data_1A5I
#
_entry.id   1A5I
#
_cell.length_a   73.860
_cell.length_b   73.860
_cell.length_c   135.190
_cell.angle_alpha   90.00
_cell.angle_beta   90.00
_cell.angle_gamma   120.00
#
_symmetry.space_group_name_H-M   'P 31 2 1'
#
loop_
_entity.id
_entity.type
_entity.pdbx_description
1 polymer 'PLASMINOGEN ACTIVATOR'
2 non-polymer L-alpha-glutamyl-N-{(1S)-4-{[amino(iminio)methyl]amino}-1-[(1S)-2-chloro-1-hydroxyethyl]butyl}glycinamide
3 water water
#
_entity_poly.entity_id   1
_entity_poly.type   'polypeptide(L)'
_entity_poly.pdbx_seq_one_letter_code
;TCGLRKYKEPQLHSTGGLFTDITSHPWQAAIFAQNRRSSGERFLCGGILISSCWVLTAAHCFQESYLPDQLKVVLGRTYR
VKPGEEEQTFKVKKYIVHKEFDDDTYNNDIALLQLKSDSPQCAQESDSVRAICLPEANLQLPDWTECELSGYGKHKSSSP
FYSEQLKEGHVRLYPSSRCAPKFLFNKTVTNNMLCAGDTRSGEIYPNVHDACQGDSGGPLVCMNDNHMTLLGIISWGVGC
GEKDVPGVYTKVTNYLGWIRDNMHL
;
_entity_poly.pdbx_strand_id   A
#
loop_
_chem_comp.id
_chem_comp.type
_chem_comp.name
_chem_comp.formula
0GJ peptide-like L-alpha-glutamyl-N-{(1S)-4-{[amino(iminio)methyl]amino}-1-[(1S)-2-chloro-1-hydroxyethyl]butyl}glycinamide 'C14 H28 Cl N6 O5 1'
#
# COMPACT_ATOMS: atom_id res chain seq x y z
N THR A 1 0.57 -13.54 15.32
CA THR A 1 -0.75 -12.87 15.37
C THR A 1 -0.92 -11.85 14.24
N CYS A 2 -0.24 -12.11 13.14
CA CYS A 2 -0.30 -11.24 11.98
C CYS A 2 -1.67 -11.38 11.35
N GLY A 3 -2.13 -10.36 10.66
CA GLY A 3 -3.40 -10.41 9.98
C GLY A 3 -4.62 -10.18 10.84
N LEU A 4 -4.44 -9.85 12.10
CA LEU A 4 -5.58 -9.61 12.99
C LEU A 4 -5.82 -8.11 13.09
N ARG A 5 -7.04 -7.72 13.42
CA ARG A 5 -7.37 -6.31 13.53
C ARG A 5 -8.75 -6.16 14.14
N LYS A 6 -8.97 -5.09 14.89
CA LYS A 6 -10.26 -4.84 15.52
C LYS A 6 -10.99 -3.92 14.55
N TYR A 7 -11.64 -4.52 13.57
CA TYR A 7 -12.34 -3.76 12.54
C TYR A 7 -13.49 -2.90 13.03
N LYS A 8 -13.46 -1.62 12.66
CA LYS A 8 -14.49 -0.65 13.01
C LYS A 8 -15.15 -0.19 11.72
N GLU A 9 -16.44 0.15 11.77
CA GLU A 9 -17.16 0.56 10.57
C GLU A 9 -16.80 1.92 9.99
N PRO A 10 -16.28 1.91 8.74
CA PRO A 10 -15.85 3.11 8.01
C PRO A 10 -16.93 4.14 7.79
N GLN A 11 -16.56 5.41 7.86
CA GLN A 11 -17.51 6.49 7.63
C GLN A 11 -17.50 6.76 6.13
N LEU A 12 -18.67 6.67 5.53
CA LEU A 12 -18.82 6.93 4.11
C LEU A 12 -18.78 8.44 3.96
N HIS A 13 -18.57 8.93 2.75
CA HIS A 13 -18.56 10.37 2.57
C HIS A 13 -18.95 10.83 1.18
N SER A 14 -18.82 12.15 0.96
CA SER A 14 -19.15 12.83 -0.29
C SER A 14 -18.91 12.04 -1.58
N THR A 15 -17.66 11.68 -1.84
CA THR A 15 -17.29 10.94 -3.04
C THR A 15 -17.79 9.49 -3.07
N GLY A 16 -18.39 9.05 -1.98
CA GLY A 16 -18.88 7.68 -1.93
C GLY A 16 -17.80 6.74 -1.45
N GLY A 17 -16.70 7.34 -0.99
CA GLY A 17 -15.56 6.60 -0.48
C GLY A 17 -15.65 6.39 1.02
N LEU A 18 -14.61 5.81 1.60
CA LEU A 18 -14.59 5.51 3.02
C LEU A 18 -13.38 6.04 3.79
N PHE A 19 -13.66 6.51 4.99
CA PHE A 19 -12.67 7.02 5.92
C PHE A 19 -12.68 6.03 7.05
N THR A 20 -11.52 5.67 7.56
CA THR A 20 -11.48 4.68 8.62
C THR A 20 -10.31 4.89 9.59
N ASP A 21 -10.46 4.27 10.77
CA ASP A 21 -9.50 4.34 11.86
C ASP A 21 -8.32 3.43 11.54
N ILE A 22 -7.12 3.81 11.95
CA ILE A 22 -5.93 3.00 11.70
C ILE A 22 -6.05 1.57 12.25
N THR A 23 -6.91 1.37 13.25
CA THR A 23 -7.06 0.04 13.84
C THR A 23 -7.52 -1.01 12.83
N SER A 24 -8.29 -0.58 11.84
CA SER A 24 -8.76 -1.49 10.79
C SER A 24 -7.63 -1.84 9.81
N HIS A 25 -6.49 -1.17 9.89
CA HIS A 25 -5.40 -1.45 8.96
C HIS A 25 -4.07 -1.15 9.65
N PRO A 26 -3.78 -1.88 10.74
CA PRO A 26 -2.57 -1.75 11.54
C PRO A 26 -1.26 -1.94 10.79
N TRP A 27 -1.32 -2.52 9.60
CA TRP A 27 -0.11 -2.75 8.83
C TRP A 27 0.26 -1.55 7.98
N GLN A 28 -0.66 -0.60 7.86
CA GLN A 28 -0.44 0.60 7.05
C GLN A 28 0.62 1.50 7.63
N ALA A 29 1.49 1.98 6.75
CA ALA A 29 2.57 2.89 7.12
C ALA A 29 2.56 4.16 6.25
N ALA A 30 3.03 5.27 6.81
CA ALA A 30 3.15 6.55 6.12
C ALA A 30 4.63 6.90 6.08
N ILE A 31 5.20 7.02 4.87
CA ILE A 31 6.60 7.37 4.70
C ILE A 31 6.79 8.84 4.33
N PHE A 32 7.67 9.53 5.05
CA PHE A 32 7.97 10.94 4.79
C PHE A 32 9.45 11.11 4.49
N ALA A 33 9.77 12.14 3.72
CA ALA A 33 11.16 12.46 3.37
C ALA A 33 11.43 13.90 3.80
N GLN A 34 12.71 14.25 3.89
CA GLN A 34 13.16 15.58 4.28
C GLN A 34 14.42 15.75 3.43
N ASN A 35 14.31 16.49 2.32
CA ASN A 35 15.45 16.68 1.41
C ASN A 35 16.64 17.50 1.95
N ARG A 36 16.68 17.64 3.27
CA ARG A 36 17.72 18.36 4.00
C ARG A 36 17.52 19.86 4.09
N ARG A 37 18.54 20.58 4.55
CA ARG A 37 18.47 22.03 4.72
C ARG A 37 17.43 22.34 5.80
N SER A 38 16.16 22.33 5.43
CA SER A 38 15.04 22.61 6.33
C SER A 38 13.80 22.84 5.46
N SER A 39 12.75 23.39 6.08
CA SER A 39 11.50 23.72 5.41
C SER A 39 10.49 22.61 5.09
N GLY A 40 9.92 22.04 6.16
CA GLY A 40 8.91 20.99 6.01
C GLY A 40 9.28 19.52 5.82
N GLU A 41 8.24 18.70 5.77
CA GLU A 41 8.36 17.26 5.62
C GLU A 41 7.27 16.86 4.61
N ARG A 42 7.65 16.26 3.50
CA ARG A 42 6.67 15.88 2.47
C ARG A 42 6.19 14.42 2.51
N PHE A 43 4.89 14.23 2.28
CA PHE A 43 4.31 12.90 2.25
C PHE A 43 4.83 12.28 0.98
N LEU A 44 5.45 11.11 1.12
CA LEU A 44 6.04 10.43 -0.01
C LEU A 44 5.22 9.25 -0.53
N CYS A 45 4.77 8.37 0.37
CA CYS A 45 3.98 7.19 0.02
C CYS A 45 3.44 6.53 1.24
N GLY A 46 2.79 5.39 1.02
CA GLY A 46 2.26 4.59 2.10
C GLY A 46 3.18 3.37 2.16
N GLY A 47 3.05 2.54 3.20
CA GLY A 47 3.90 1.37 3.28
C GLY A 47 3.22 0.28 4.06
N ILE A 48 3.72 -0.95 3.94
CA ILE A 48 3.15 -2.08 4.68
C ILE A 48 4.19 -2.71 5.62
N LEU A 49 3.84 -2.84 6.89
CA LEU A 49 4.71 -3.45 7.89
C LEU A 49 4.61 -4.99 7.80
N ILE A 50 5.65 -5.65 7.29
CA ILE A 50 5.62 -7.10 7.19
C ILE A 50 6.14 -7.75 8.47
N SER A 51 6.96 -7.02 9.21
CA SER A 51 7.52 -7.49 10.48
C SER A 51 8.04 -6.27 11.26
N SER A 52 8.19 -6.41 12.57
CA SER A 52 8.62 -5.33 13.47
C SER A 52 9.62 -4.28 13.01
N CYS A 53 10.57 -4.65 12.15
CA CYS A 53 11.57 -3.68 11.68
C CYS A 53 11.66 -3.66 10.17
N TRP A 54 10.63 -4.12 9.48
CA TRP A 54 10.68 -4.09 8.02
C TRP A 54 9.39 -3.60 7.41
N VAL A 55 9.53 -2.85 6.32
CA VAL A 55 8.39 -2.25 5.64
C VAL A 55 8.52 -2.40 4.14
N LEU A 56 7.45 -2.86 3.49
CA LEU A 56 7.40 -3.01 2.04
C LEU A 56 6.80 -1.75 1.42
N THR A 57 7.15 -1.43 0.18
CA THR A 57 6.62 -0.25 -0.49
C THR A 57 6.82 -0.41 -1.98
N ALA A 58 6.49 0.63 -2.74
CA ALA A 58 6.67 0.60 -4.19
C ALA A 58 7.99 1.28 -4.50
N ALA A 59 8.77 0.66 -5.38
CA ALA A 59 10.06 1.19 -5.79
C ALA A 59 9.97 2.64 -6.28
N HIS A 60 8.93 2.95 -7.03
CA HIS A 60 8.74 4.29 -7.58
C HIS A 60 8.50 5.40 -6.56
N CYS A 61 8.41 5.06 -5.28
CA CYS A 61 8.22 6.09 -4.27
C CYS A 61 9.51 6.86 -4.03
N PHE A 62 10.62 6.27 -4.49
CA PHE A 62 11.92 6.87 -4.32
C PHE A 62 12.45 7.47 -5.60
N GLN A 63 11.88 8.60 -5.98
CA GLN A 63 12.30 9.28 -7.18
C GLN A 63 13.65 9.95 -6.85
N GLU A 64 13.59 10.98 -6.02
CA GLU A 64 14.79 11.69 -5.60
C GLU A 64 15.57 10.72 -4.72
N SER A 65 16.72 10.29 -5.20
CA SER A 65 17.57 9.37 -4.46
C SER A 65 17.85 9.84 -3.02
N TYR A 66 16.96 9.47 -2.09
CA TYR A 66 17.09 9.87 -0.70
C TYR A 66 18.17 9.09 0.06
N LEU A 67 18.49 9.58 1.25
CA LEU A 67 19.46 8.94 2.13
C LEU A 67 18.68 8.61 3.41
N PRO A 68 18.87 7.39 3.95
CA PRO A 68 18.22 6.88 5.16
C PRO A 68 17.84 7.87 6.25
N ASP A 69 18.69 8.87 6.47
CA ASP A 69 18.45 9.87 7.51
C ASP A 69 17.27 10.77 7.18
N GLN A 70 17.04 10.98 5.88
CA GLN A 70 15.96 11.81 5.40
C GLN A 70 14.59 11.17 5.62
N LEU A 71 14.48 9.89 5.25
CA LEU A 71 13.25 9.11 5.37
C LEU A 71 12.81 8.82 6.80
N LYS A 72 11.53 9.05 7.05
CA LYS A 72 10.92 8.80 8.35
C LYS A 72 9.67 7.98 8.06
N VAL A 73 9.37 7.03 8.93
CA VAL A 73 8.23 6.13 8.79
C VAL A 73 7.38 6.17 10.05
N VAL A 74 6.13 6.56 9.92
CA VAL A 74 5.24 6.59 11.07
C VAL A 74 4.18 5.52 10.88
N LEU A 75 3.80 4.88 11.98
CA LEU A 75 2.81 3.82 11.97
C LEU A 75 1.81 4.18 13.06
N GLY A 76 0.58 3.69 12.96
CA GLY A 76 -0.42 3.97 13.98
C GLY A 76 -1.04 5.36 13.95
N ARG A 77 -1.17 5.91 12.76
CA ARG A 77 -1.74 7.23 12.57
C ARG A 77 -2.94 7.13 11.63
N THR A 78 -4.08 7.68 12.05
CA THR A 78 -5.28 7.70 11.22
C THR A 78 -5.27 8.85 10.20
N TYR A 79 -4.95 10.05 10.68
CA TYR A 79 -4.89 11.29 9.90
C TYR A 79 -3.52 11.51 9.32
N ARG A 80 -3.44 11.55 7.99
CA ARG A 80 -2.15 11.68 7.30
C ARG A 80 -1.13 12.58 7.97
N VAL A 81 -1.58 13.76 8.40
CA VAL A 81 -0.70 14.76 8.99
C VAL A 81 -0.81 15.07 10.50
N LYS A 82 -1.87 14.64 11.16
CA LYS A 82 -1.97 14.91 12.60
C LYS A 82 -1.23 13.79 13.34
N PRO A 83 -0.61 14.10 14.50
CA PRO A 83 0.09 13.02 15.19
C PRO A 83 -0.91 12.05 15.83
N GLY A 84 -0.73 10.75 15.59
CA GLY A 84 -1.62 9.76 16.16
C GLY A 84 -1.36 9.51 17.63
N GLU A 85 -2.42 9.22 18.39
CA GLU A 85 -2.31 8.96 19.82
C GLU A 85 -1.34 7.83 20.16
N GLU A 86 -1.39 6.72 19.42
CA GLU A 86 -0.47 5.60 19.66
C GLU A 86 0.46 5.42 18.47
N GLU A 87 0.82 6.51 17.81
CA GLU A 87 1.68 6.40 16.65
C GLU A 87 3.08 5.98 17.06
N GLN A 88 3.84 5.46 16.11
CA GLN A 88 5.19 5.01 16.34
C GLN A 88 6.01 5.42 15.14
N THR A 89 6.99 6.27 15.39
CA THR A 89 7.84 6.79 14.35
C THR A 89 9.22 6.16 14.41
N PHE A 90 9.77 5.84 13.25
CA PHE A 90 11.07 5.22 13.15
C PHE A 90 11.84 5.96 12.09
N LYS A 91 13.05 5.51 11.80
CA LYS A 91 13.90 6.14 10.81
C LYS A 91 14.52 4.99 10.04
N VAL A 92 14.75 5.18 8.75
CA VAL A 92 15.31 4.11 7.95
C VAL A 92 16.79 3.89 8.22
N LYS A 93 17.13 2.63 8.50
CA LYS A 93 18.50 2.24 8.74
C LYS A 93 19.06 2.07 7.34
N LYS A 94 18.30 1.40 6.47
CA LYS A 94 18.70 1.19 5.09
C LYS A 94 17.46 0.75 4.31
N TYR A 95 17.36 1.17 3.05
CA TYR A 95 16.23 0.80 2.21
C TYR A 95 16.74 0.15 0.92
N ILE A 96 15.98 -0.81 0.40
CA ILE A 96 16.38 -1.53 -0.80
C ILE A 96 15.33 -1.38 -1.89
N VAL A 97 15.74 -0.91 -3.07
CA VAL A 97 14.83 -0.74 -4.21
C VAL A 97 15.13 -1.85 -5.19
N HIS A 98 14.13 -2.67 -5.50
CA HIS A 98 14.35 -3.78 -6.41
C HIS A 98 15.17 -3.50 -7.65
N LYS A 99 16.38 -4.04 -7.67
CA LYS A 99 17.31 -3.87 -8.78
C LYS A 99 16.72 -3.78 -10.17
N GLU A 100 15.81 -4.68 -10.54
CA GLU A 100 15.23 -4.64 -11.87
C GLU A 100 13.94 -3.82 -12.02
N PHE A 101 13.74 -2.80 -11.17
CA PHE A 101 12.55 -1.99 -11.24
C PHE A 101 12.55 -1.14 -12.51
N ASP A 102 11.57 -1.36 -13.36
CA ASP A 102 11.45 -0.60 -14.60
C ASP A 102 10.60 0.66 -14.40
N ASP A 103 11.23 1.82 -14.41
CA ASP A 103 10.50 3.08 -14.25
C ASP A 103 9.51 3.26 -15.40
N ASP A 104 9.83 2.66 -16.53
CA ASP A 104 9.02 2.75 -17.73
C ASP A 104 7.74 1.92 -17.68
N THR A 105 7.82 0.69 -17.16
CA THR A 105 6.67 -0.21 -17.11
C THR A 105 6.24 -0.61 -15.70
N TYR A 106 6.91 -0.05 -14.70
CA TYR A 106 6.61 -0.35 -13.30
C TYR A 106 6.77 -1.80 -12.91
N ASN A 107 7.44 -2.57 -13.76
CA ASN A 107 7.68 -3.95 -13.45
C ASN A 107 8.67 -3.98 -12.26
N ASN A 108 8.45 -4.91 -11.34
CA ASN A 108 9.31 -5.06 -10.15
C ASN A 108 9.15 -3.88 -9.23
N ASP A 109 8.00 -3.25 -9.30
CA ASP A 109 7.75 -2.08 -8.48
C ASP A 109 7.60 -2.59 -7.07
N ILE A 110 8.71 -2.69 -6.35
CA ILE A 110 8.72 -3.16 -4.97
C ILE A 110 10.02 -2.74 -4.28
N ALA A 111 9.95 -2.38 -3.01
CA ALA A 111 11.12 -1.98 -2.25
C ALA A 111 10.89 -2.23 -0.75
N LEU A 112 11.99 -2.50 -0.04
CA LEU A 112 12.01 -2.79 1.39
C LEU A 112 12.61 -1.64 2.16
N LEU A 113 12.25 -1.52 3.43
CA LEU A 113 12.80 -0.49 4.30
C LEU A 113 13.13 -1.14 5.64
N GLN A 114 14.42 -1.23 5.98
CA GLN A 114 14.80 -1.78 7.27
C GLN A 114 14.75 -0.63 8.25
N LEU A 115 13.97 -0.75 9.31
CA LEU A 115 13.90 0.31 10.31
C LEU A 115 15.19 0.32 11.14
N LYS A 116 15.29 1.30 12.04
CA LYS A 116 16.46 1.44 12.90
C LYS A 116 16.01 1.77 14.32
N SER A 117 16.41 0.94 15.28
CA SER A 117 16.04 1.17 16.66
C SER A 117 17.14 0.62 17.54
N ASP A 118 17.18 1.07 18.80
CA ASP A 118 18.21 0.62 19.74
C ASP A 118 17.92 -0.78 20.28
N SER A 119 16.90 -1.43 19.73
CA SER A 119 16.50 -2.78 20.14
C SER A 119 16.19 -3.59 18.90
N PRO A 120 16.45 -4.90 18.96
CA PRO A 120 16.17 -5.78 17.82
C PRO A 120 14.65 -5.85 17.53
N GLN A 121 13.89 -5.11 18.33
CA GLN A 121 12.45 -5.01 18.20
C GLN A 121 12.11 -3.53 18.02
N CYS A 122 11.91 -3.10 16.77
CA CYS A 122 11.57 -1.72 16.48
C CYS A 122 10.09 -1.45 16.78
N ALA A 123 9.24 -1.73 15.80
CA ALA A 123 7.80 -1.53 15.96
C ALA A 123 7.23 -2.42 17.04
N GLN A 124 6.49 -1.80 17.96
CA GLN A 124 5.87 -2.53 19.05
C GLN A 124 4.39 -2.72 18.79
N GLU A 125 4.01 -3.96 18.55
CA GLU A 125 2.64 -4.33 18.27
C GLU A 125 1.67 -3.69 19.23
N SER A 126 0.50 -3.34 18.71
CA SER A 126 -0.56 -2.74 19.49
C SER A 126 -1.78 -2.72 18.59
N ASP A 127 -2.93 -2.41 19.15
CA ASP A 127 -4.16 -2.34 18.38
C ASP A 127 -4.06 -1.39 17.18
N SER A 128 -3.00 -0.59 17.11
CA SER A 128 -2.83 0.35 16.02
C SER A 128 -1.63 0.06 15.15
N VAL A 129 -0.75 -0.82 15.60
CA VAL A 129 0.44 -1.17 14.82
C VAL A 129 0.58 -2.69 14.84
N ARG A 130 0.48 -3.33 13.68
CA ARG A 130 0.56 -4.78 13.61
C ARG A 130 0.88 -5.26 12.20
N ALA A 131 1.75 -6.25 12.09
CA ALA A 131 2.14 -6.78 10.79
C ALA A 131 1.06 -7.57 10.01
N ILE A 132 1.25 -7.62 8.70
CA ILE A 132 0.32 -8.31 7.81
C ILE A 132 0.95 -9.69 7.58
N CYS A 133 0.14 -10.67 7.17
CA CYS A 133 0.68 -11.99 6.91
C CYS A 133 1.03 -12.10 5.45
N LEU A 134 2.22 -12.63 5.20
CA LEU A 134 2.70 -12.83 3.83
C LEU A 134 2.10 -14.12 3.27
N PRO A 135 1.69 -14.09 2.01
CA PRO A 135 1.11 -15.31 1.46
C PRO A 135 2.20 -16.34 1.22
N GLU A 136 1.78 -17.58 1.04
CA GLU A 136 2.73 -18.61 0.69
C GLU A 136 2.79 -18.43 -0.83
N ALA A 137 3.80 -18.95 -1.49
CA ALA A 137 3.92 -18.78 -2.93
C ALA A 137 2.86 -19.55 -3.71
N ASN A 138 2.21 -20.48 -3.04
CA ASN A 138 1.18 -21.29 -3.67
C ASN A 138 -0.21 -20.64 -3.60
N LEU A 139 -0.31 -19.53 -2.86
CA LEU A 139 -1.61 -18.88 -2.70
C LEU A 139 -2.14 -18.20 -3.93
N GLN A 140 -3.23 -18.75 -4.46
CA GLN A 140 -3.91 -18.17 -5.61
C GLN A 140 -5.40 -18.15 -5.29
N LEU A 141 -5.87 -16.99 -4.83
CA LEU A 141 -7.25 -16.82 -4.45
C LEU A 141 -8.14 -16.77 -5.70
N PRO A 142 -9.40 -17.20 -5.56
CA PRO A 142 -10.37 -17.24 -6.64
C PRO A 142 -10.68 -15.87 -7.22
N ASP A 143 -10.81 -15.82 -8.55
CA ASP A 143 -11.12 -14.58 -9.24
C ASP A 143 -12.37 -13.99 -8.64
N TRP A 144 -12.39 -12.68 -8.55
CA TRP A 144 -13.52 -11.95 -8.04
C TRP A 144 -13.64 -11.95 -6.51
N THR A 145 -12.62 -12.49 -5.83
CA THR A 145 -12.62 -12.51 -4.37
C THR A 145 -12.52 -11.06 -3.90
N GLU A 146 -13.22 -10.74 -2.83
CA GLU A 146 -13.24 -9.39 -2.28
C GLU A 146 -12.05 -9.11 -1.38
N CYS A 147 -11.34 -8.02 -1.64
CA CYS A 147 -10.17 -7.65 -0.83
C CYS A 147 -10.32 -6.20 -0.40
N GLU A 148 -9.26 -5.64 0.16
CA GLU A 148 -9.28 -4.26 0.61
C GLU A 148 -7.95 -3.54 0.30
N LEU A 149 -7.99 -2.22 0.37
CA LEU A 149 -6.81 -1.38 0.14
C LEU A 149 -6.94 -0.20 1.08
N SER A 150 -5.82 0.44 1.39
CA SER A 150 -5.81 1.57 2.30
C SER A 150 -4.71 2.54 1.88
N GLY A 151 -4.81 3.77 2.37
CA GLY A 151 -3.81 4.76 2.05
C GLY A 151 -4.30 6.12 2.44
N TYR A 152 -3.42 7.12 2.31
CA TYR A 152 -3.76 8.52 2.60
C TYR A 152 -3.68 9.34 1.30
N GLY A 153 -3.52 8.65 0.18
CA GLY A 153 -3.43 9.32 -1.12
C GLY A 153 -4.61 10.14 -1.59
N LYS A 154 -4.45 10.68 -2.79
CA LYS A 154 -5.45 11.53 -3.44
C LYS A 154 -6.80 10.87 -3.53
N HIS A 155 -7.83 11.69 -3.72
CA HIS A 155 -9.20 11.17 -3.85
C HIS A 155 -9.63 11.08 -5.30
N LYS A 156 -9.28 12.08 -6.09
CA LYS A 156 -9.63 12.09 -7.51
C LYS A 156 -8.28 12.31 -8.21
N SER A 157 -8.12 11.73 -9.39
CA SER A 157 -6.89 11.88 -10.13
C SER A 157 -6.46 13.33 -10.20
N SER A 158 -7.38 14.20 -10.62
CA SER A 158 -7.07 15.63 -10.72
C SER A 158 -7.45 16.34 -9.44
N SER A 159 -6.55 16.27 -8.47
CA SER A 159 -6.74 16.91 -7.20
C SER A 159 -5.35 17.22 -6.71
N PRO A 160 -5.16 18.40 -6.13
CA PRO A 160 -3.81 18.73 -5.64
C PRO A 160 -3.60 18.21 -4.22
N PHE A 161 -4.67 17.76 -3.59
CA PHE A 161 -4.58 17.30 -2.23
C PHE A 161 -4.53 15.77 -2.04
N TYR A 162 -3.79 15.36 -1.00
CA TYR A 162 -3.71 13.95 -0.61
C TYR A 162 -4.83 13.87 0.43
N SER A 163 -5.22 12.66 0.77
CA SER A 163 -6.29 12.49 1.71
C SER A 163 -5.87 13.01 3.08
N GLU A 164 -6.79 13.55 3.85
CA GLU A 164 -6.44 14.04 5.16
C GLU A 164 -6.58 12.95 6.20
N GLN A 165 -7.30 11.88 5.85
CA GLN A 165 -7.51 10.76 6.76
C GLN A 165 -7.36 9.46 6.02
N LEU A 166 -7.09 8.39 6.75
CA LEU A 166 -6.91 7.05 6.21
C LEU A 166 -8.12 6.59 5.39
N LYS A 167 -7.86 6.15 4.16
CA LYS A 167 -8.94 5.66 3.29
C LYS A 167 -9.02 4.13 3.33
N GLU A 168 -10.23 3.61 3.15
CA GLU A 168 -10.47 2.17 3.09
C GLU A 168 -11.26 1.95 1.80
N GLY A 169 -10.76 1.09 0.93
CA GLY A 169 -11.44 0.81 -0.33
C GLY A 169 -11.77 -0.65 -0.49
N HIS A 170 -12.85 -0.95 -1.19
CA HIS A 170 -13.23 -2.32 -1.38
C HIS A 170 -13.21 -2.66 -2.85
N VAL A 171 -12.33 -3.59 -3.21
CA VAL A 171 -12.19 -4.00 -4.59
C VAL A 171 -12.27 -5.53 -4.68
N ARG A 172 -12.01 -6.06 -5.89
CA ARG A 172 -12.07 -7.50 -6.17
C ARG A 172 -10.97 -7.90 -7.14
N LEU A 173 -10.43 -9.10 -6.98
CA LEU A 173 -9.39 -9.61 -7.87
C LEU A 173 -9.95 -9.82 -9.27
N TYR A 174 -9.46 -9.08 -10.26
CA TYR A 174 -9.93 -9.30 -11.64
C TYR A 174 -9.26 -10.56 -12.17
N PRO A 175 -9.90 -11.29 -13.07
CA PRO A 175 -9.23 -12.49 -13.58
C PRO A 175 -8.10 -12.07 -14.48
N SER A 176 -7.19 -13.00 -14.75
CA SER A 176 -6.03 -12.70 -15.60
C SER A 176 -6.41 -12.24 -16.99
N SER A 177 -7.46 -12.82 -17.53
CA SER A 177 -7.93 -12.49 -18.87
C SER A 177 -8.29 -11.02 -18.99
N ARG A 178 -8.70 -10.41 -17.88
CA ARG A 178 -9.08 -9.02 -17.86
C ARG A 178 -7.95 -8.11 -17.46
N CYS A 179 -6.82 -8.70 -17.13
CA CYS A 179 -5.65 -7.92 -16.72
C CYS A 179 -4.63 -7.92 -17.85
N ALA A 180 -4.91 -7.14 -18.88
CA ALA A 180 -4.06 -7.01 -20.05
C ALA A 180 -4.10 -5.55 -20.52
N PRO A 181 -3.18 -5.16 -21.44
CA PRO A 181 -3.13 -3.79 -21.97
C PRO A 181 -4.41 -3.37 -22.67
N LYS A 182 -5.05 -4.31 -23.36
CA LYS A 182 -6.29 -4.04 -24.06
C LYS A 182 -7.29 -3.30 -23.15
N PHE A 183 -7.29 -3.65 -21.86
CA PHE A 183 -8.21 -3.03 -20.89
C PHE A 183 -7.57 -1.86 -20.17
N LEU A 184 -6.26 -1.92 -20.03
CA LEU A 184 -5.55 -0.87 -19.34
C LEU A 184 -5.02 0.20 -20.27
N PHE A 185 -5.79 0.47 -21.35
CA PHE A 185 -5.43 1.49 -22.34
C PHE A 185 -4.06 1.22 -22.99
N ASN A 186 -3.92 0.00 -23.51
CA ASN A 186 -2.70 -0.44 -24.16
C ASN A 186 -1.43 -0.28 -23.32
N LYS A 187 -1.59 -0.08 -22.03
CA LYS A 187 -0.45 0.05 -21.13
C LYS A 187 0.08 -1.35 -20.87
N THR A 188 1.36 -1.45 -20.54
CA THR A 188 2.02 -2.73 -20.30
C THR A 188 1.67 -3.45 -18.98
N VAL A 189 1.34 -4.74 -19.09
CA VAL A 189 1.00 -5.57 -17.95
C VAL A 189 1.93 -6.78 -17.92
N THR A 190 2.56 -7.03 -16.77
CA THR A 190 3.50 -8.14 -16.63
C THR A 190 3.06 -9.22 -15.64
N ASN A 191 3.75 -10.35 -15.69
CA ASN A 191 3.54 -11.50 -14.82
C ASN A 191 3.78 -11.15 -13.35
N ASN A 192 4.38 -9.99 -13.11
CA ASN A 192 4.68 -9.53 -11.74
C ASN A 192 3.59 -8.59 -11.29
N MET A 193 2.57 -8.41 -12.11
CA MET A 193 1.47 -7.51 -11.81
C MET A 193 0.15 -8.25 -11.62
N LEU A 194 -0.76 -7.62 -10.88
CA LEU A 194 -2.05 -8.19 -10.58
C LEU A 194 -3.13 -7.12 -10.52
N CYS A 195 -4.22 -7.31 -11.26
CA CYS A 195 -5.31 -6.34 -11.31
C CYS A 195 -6.39 -6.53 -10.26
N ALA A 196 -6.88 -5.42 -9.72
CA ALA A 196 -7.95 -5.43 -8.73
C ALA A 196 -8.66 -4.09 -8.82
N GLY A 197 -9.99 -4.12 -8.80
CA GLY A 197 -10.76 -2.91 -8.88
C GLY A 197 -12.18 -3.19 -8.41
N ASP A 198 -12.88 -2.12 -8.04
CA ASP A 198 -14.26 -2.14 -7.55
C ASP A 198 -15.23 -2.40 -8.70
N THR A 199 -16.03 -3.45 -8.55
CA THR A 199 -17.00 -3.87 -9.58
C THR A 199 -18.42 -3.29 -9.46
N ARG A 200 -18.70 -2.58 -8.36
CA ARG A 200 -19.99 -1.95 -8.12
C ARG A 200 -20.11 -0.74 -9.06
N SER A 201 -20.62 -0.94 -10.27
CA SER A 201 -20.76 0.17 -11.21
C SER A 201 -22.13 0.82 -11.23
N GLY A 202 -22.24 1.90 -12.00
CA GLY A 202 -23.51 2.60 -12.14
C GLY A 202 -23.97 3.53 -11.03
N GLU A 203 -23.95 3.04 -9.79
CA GLU A 203 -24.39 3.80 -8.61
C GLU A 203 -24.03 5.30 -8.65
N ILE A 204 -24.89 6.10 -8.01
CA ILE A 204 -24.75 7.55 -7.90
C ILE A 204 -23.34 8.11 -8.20
N TYR A 205 -22.40 7.67 -7.39
CA TYR A 205 -21.02 8.13 -7.47
C TYR A 205 -20.33 7.87 -8.80
N PRO A 206 -19.70 8.90 -9.39
CA PRO A 206 -18.99 8.80 -10.67
C PRO A 206 -17.73 7.94 -10.61
N ASN A 207 -17.11 7.91 -9.43
CA ASN A 207 -15.89 7.16 -9.22
C ASN A 207 -16.15 5.94 -8.35
N VAL A 208 -15.44 4.87 -8.65
CA VAL A 208 -15.58 3.64 -7.89
C VAL A 208 -14.36 3.55 -6.96
N HIS A 209 -14.44 2.78 -5.87
CA HIS A 209 -13.31 2.65 -4.95
C HIS A 209 -12.10 2.19 -5.73
N ASP A 210 -10.96 2.77 -5.42
CA ASP A 210 -9.70 2.45 -6.11
C ASP A 210 -8.62 3.25 -5.40
N ALA A 211 -7.37 2.87 -5.63
CA ALA A 211 -6.28 3.60 -5.04
C ALA A 211 -5.90 4.66 -6.07
N CYS A 212 -5.36 5.78 -5.59
CA CYS A 212 -4.92 6.86 -6.46
C CYS A 212 -3.49 7.26 -6.05
N GLN A 213 -3.00 8.39 -6.56
CA GLN A 213 -1.66 8.89 -6.26
C GLN A 213 -1.42 9.19 -4.78
N GLY A 214 -0.30 8.69 -4.27
CA GLY A 214 0.03 8.86 -2.87
C GLY A 214 -0.26 7.57 -2.11
N ASP A 215 -0.96 6.64 -2.74
CA ASP A 215 -1.29 5.36 -2.12
C ASP A 215 -0.23 4.30 -2.33
N SER A 216 0.58 4.47 -3.38
CA SER A 216 1.63 3.53 -3.73
C SER A 216 2.37 3.01 -2.52
N GLY A 217 2.70 1.73 -2.58
CA GLY A 217 3.38 1.08 -1.48
C GLY A 217 2.40 0.59 -0.42
N GLY A 218 1.14 1.01 -0.56
CA GLY A 218 0.10 0.58 0.36
C GLY A 218 -0.29 -0.85 0.06
N PRO A 219 -1.09 -1.47 0.94
CA PRO A 219 -1.54 -2.84 0.78
C PRO A 219 -2.83 -3.11 0.03
N LEU A 220 -2.96 -4.35 -0.39
CA LEU A 220 -4.14 -4.89 -1.04
C LEU A 220 -4.24 -6.21 -0.26
N VAL A 221 -5.02 -6.20 0.80
CA VAL A 221 -5.20 -7.36 1.66
C VAL A 221 -6.52 -8.11 1.43
N CYS A 222 -6.45 -9.44 1.47
CA CYS A 222 -7.63 -10.27 1.29
C CYS A 222 -7.66 -11.24 2.46
N MET A 223 -8.84 -11.54 2.98
CA MET A 223 -8.94 -12.47 4.11
C MET A 223 -8.72 -13.87 3.56
N ASN A 224 -7.87 -14.64 4.24
CA ASN A 224 -7.58 -16.01 3.83
C ASN A 224 -7.24 -16.78 5.08
N ASP A 225 -7.97 -17.85 5.35
CA ASP A 225 -7.73 -18.67 6.56
C ASP A 225 -7.94 -17.89 7.85
N ASN A 226 -8.85 -16.92 7.81
CA ASN A 226 -9.18 -16.07 8.96
C ASN A 226 -8.13 -15.04 9.38
N HIS A 227 -7.23 -14.71 8.46
CA HIS A 227 -6.18 -13.74 8.72
C HIS A 227 -6.03 -12.90 7.48
N MET A 228 -5.85 -11.59 7.65
CA MET A 228 -5.67 -10.75 6.48
C MET A 228 -4.31 -11.12 5.89
N THR A 229 -4.30 -11.46 4.62
CA THR A 229 -3.08 -11.84 3.94
C THR A 229 -2.75 -10.74 2.94
N LEU A 230 -1.48 -10.41 2.81
CA LEU A 230 -1.08 -9.37 1.87
C LEU A 230 -1.06 -10.00 0.48
N LEU A 231 -1.73 -9.38 -0.49
CA LEU A 231 -1.76 -9.91 -1.84
C LEU A 231 -1.05 -9.09 -2.90
N GLY A 232 -1.04 -7.78 -2.76
CA GLY A 232 -0.35 -6.93 -3.72
C GLY A 232 0.05 -5.60 -3.10
N ILE A 233 0.96 -4.88 -3.74
CA ILE A 233 1.39 -3.56 -3.24
C ILE A 233 0.90 -2.56 -4.27
N ILE A 234 0.28 -1.47 -3.84
CA ILE A 234 -0.24 -0.50 -4.80
C ILE A 234 0.89 0.06 -5.67
N SER A 235 0.84 -0.27 -6.96
CA SER A 235 1.86 0.12 -7.94
C SER A 235 1.42 1.22 -8.92
N TRP A 236 0.53 0.89 -9.83
CA TRP A 236 0.09 1.89 -10.80
C TRP A 236 -1.36 1.78 -11.28
N GLY A 237 -1.76 2.72 -12.11
CA GLY A 237 -3.11 2.72 -12.64
C GLY A 237 -3.36 3.89 -13.56
N VAL A 238 -4.19 3.63 -14.58
CA VAL A 238 -4.59 4.63 -15.57
C VAL A 238 -5.80 5.38 -15.03
N GLY A 239 -5.56 6.53 -14.41
CA GLY A 239 -6.64 7.32 -13.85
C GLY A 239 -6.87 6.91 -12.41
N CYS A 240 -8.09 7.10 -11.93
CA CYS A 240 -8.43 6.73 -10.56
C CYS A 240 -9.92 6.55 -10.39
N GLY A 241 -10.31 5.33 -10.04
CA GLY A 241 -11.71 5.03 -9.78
C GLY A 241 -12.58 5.12 -11.00
N GLU A 242 -12.02 4.98 -12.19
CA GLU A 242 -12.83 5.03 -13.39
C GLU A 242 -13.60 3.73 -13.41
N LYS A 243 -14.90 3.81 -13.65
CA LYS A 243 -15.71 2.61 -13.70
C LYS A 243 -15.18 1.58 -14.69
N ASP A 244 -15.04 0.36 -14.20
CA ASP A 244 -14.57 -0.78 -14.97
C ASP A 244 -13.13 -0.86 -15.44
N VAL A 245 -12.26 -0.01 -14.87
CA VAL A 245 -10.82 -0.03 -15.17
C VAL A 245 -10.13 -0.46 -13.88
N PRO A 246 -9.57 -1.67 -13.86
CA PRO A 246 -8.90 -2.16 -12.66
C PRO A 246 -7.56 -1.50 -12.39
N GLY A 247 -7.19 -1.45 -11.11
CA GLY A 247 -5.92 -0.89 -10.70
C GLY A 247 -4.89 -1.99 -10.78
N VAL A 248 -3.66 -1.63 -11.12
CA VAL A 248 -2.60 -2.61 -11.22
C VAL A 248 -1.77 -2.62 -9.96
N TYR A 249 -1.42 -3.81 -9.50
CA TYR A 249 -0.67 -3.97 -8.24
C TYR A 249 0.52 -4.92 -8.41
N THR A 250 1.52 -4.79 -7.54
CA THR A 250 2.68 -5.67 -7.59
C THR A 250 2.28 -6.99 -6.98
N LYS A 251 2.58 -8.07 -7.68
CA LYS A 251 2.23 -9.41 -7.24
C LYS A 251 3.20 -9.89 -6.17
N VAL A 252 2.86 -9.66 -4.91
CA VAL A 252 3.71 -10.05 -3.80
C VAL A 252 4.18 -11.51 -3.80
N THR A 253 3.35 -12.45 -4.25
CA THR A 253 3.79 -13.84 -4.25
C THR A 253 4.98 -14.06 -5.17
N ASN A 254 5.18 -13.18 -6.14
CA ASN A 254 6.33 -13.30 -7.04
C ASN A 254 7.60 -12.79 -6.35
N TYR A 255 7.45 -12.13 -5.21
CA TYR A 255 8.60 -11.56 -4.52
C TYR A 255 8.95 -12.09 -3.12
N LEU A 256 8.46 -13.28 -2.78
CA LEU A 256 8.76 -13.83 -1.47
C LEU A 256 10.24 -14.20 -1.41
N GLY A 257 10.78 -14.62 -2.55
CA GLY A 257 12.18 -14.99 -2.62
C GLY A 257 13.03 -13.76 -2.41
N TRP A 258 12.83 -12.77 -3.28
CA TRP A 258 13.55 -11.50 -3.21
C TRP A 258 13.50 -10.92 -1.80
N ILE A 259 12.33 -10.92 -1.18
CA ILE A 259 12.18 -10.38 0.18
C ILE A 259 13.00 -11.20 1.15
N ARG A 260 12.76 -12.51 1.18
CA ARG A 260 13.45 -13.41 2.09
C ARG A 260 14.94 -13.15 2.13
N ASP A 261 15.54 -12.92 0.96
CA ASP A 261 16.96 -12.63 0.86
C ASP A 261 17.23 -11.25 1.43
N ASN A 262 16.99 -10.20 0.64
CA ASN A 262 17.24 -8.84 1.09
C ASN A 262 16.80 -8.55 2.53
N MET A 263 15.92 -9.39 3.06
CA MET A 263 15.50 -9.23 4.44
C MET A 263 16.42 -10.19 5.18
N HIS A 264 17.01 -9.77 6.28
CA HIS A 264 17.94 -10.66 7.00
C HIS A 264 17.30 -11.90 7.62
N LEU A 265 17.68 -13.07 7.08
CA LEU A 265 17.19 -14.39 7.51
C LEU A 265 18.22 -15.52 7.39
N 0GJ B . -0.11 5.74 -14.81
CA 0GJ B . 0.68 6.61 -13.88
C 0GJ B . 0.91 5.83 -12.59
O 0GJ B . -0.03 5.25 -12.06
CB 0GJ B . -0.12 7.88 -13.56
CG 0GJ B . -0.98 8.40 -14.71
CD 0GJ B . -2.30 9.04 -14.24
OE1 0GJ B . -2.30 9.75 -13.21
OE2 0GJ B . -3.32 8.83 -14.93
N1 0GJ B . 2.15 5.76 -12.11
CA1 0GJ B . 2.43 5.05 -10.87
C1 0GJ B . 1.76 5.83 -9.74
O1 0GJ B . 1.41 6.98 -9.93
N2 0GJ B . 1.53 5.18 -8.61
CA2 0GJ B . 0.89 5.83 -7.46
C2 0GJ B . 1.89 5.62 -6.35
O2 0GJ B . 1.30 6.35 -5.28
CB1 0GJ B . -0.43 5.14 -7.06
CG1 0GJ B . -1.53 5.25 -8.09
CD1 0GJ B . -2.47 4.07 -8.02
NE 0GJ B . -3.47 4.07 -9.08
CZ 0GJ B . -4.51 3.24 -9.12
NH1 0GJ B . -4.68 2.32 -8.17
NH2 0GJ B . -5.44 3.37 -10.05
C3 0GJ B . 3.30 6.04 -6.77
#